data_3WJW
#
_entry.id   3WJW
#
_cell.length_a   58.025
_cell.length_b   103.573
_cell.length_c   73.508
_cell.angle_alpha   90.000
_cell.angle_beta   90.000
_cell.angle_gamma   90.000
#
_symmetry.space_group_name_H-M   'C 2 2 21'
#
loop_
_entity.id
_entity.type
_entity.pdbx_description
1 polymer "Orotidine 5'-phosphate decarboxylase"
2 non-polymer "6-methyluridine 5'-(dihydrogen phosphate)"
3 water water
#
_entity_poly.entity_id   1
_entity_poly.type   'polypeptide(L)'
_entity_poly.pdbx_seq_one_letter_code
;GSHMRSRRVDVMDVMNRLILAMDLMNRDDALRVTGEVREYIDTVKIGYPLVLSEGMDIIAEFRKRFGCRIIADFKVADIP
ETNEKICRATFKAGADAIIVHGFPGADSVRACLNVAEEMGREVFLLTEMSHPGAEMFIQGAADEIARMGVDLGVKNYVGP
STRPERLSRLREIIGQDSFLISPGVGAQGGDPGETLRFADAIIVGRSIYLADNPAAAAAGIIESIKDLRIPEDPAANKAR
KEAELAAATAEQ
;
_entity_poly.pdbx_strand_id   A
#
# COMPACT_ATOMS: atom_id res chain seq x y z
N VAL A 14 -7.92 8.28 -4.52
CA VAL A 14 -8.08 8.12 -3.05
C VAL A 14 -8.49 9.44 -2.40
N MET A 15 -9.58 9.40 -1.62
CA MET A 15 -10.12 10.61 -1.03
C MET A 15 -9.01 11.30 -0.28
N ASN A 16 -8.79 12.56 -0.67
CA ASN A 16 -7.85 13.42 0.04
C ASN A 16 -6.41 12.96 -0.13
N ARG A 17 -6.14 11.97 -1.00
CA ARG A 17 -4.78 11.50 -1.29
C ARG A 17 -4.18 10.88 -0.02
N LEU A 18 -5.03 10.42 0.88
CA LEU A 18 -4.56 9.83 2.16
C LEU A 18 -5.14 8.42 2.35
N ILE A 19 -4.24 7.47 2.59
CA ILE A 19 -4.60 6.06 2.82
C ILE A 19 -4.18 5.70 4.25
N LEU A 20 -5.12 5.18 5.02
CA LEU A 20 -4.84 4.82 6.41
C LEU A 20 -4.17 3.45 6.44
N ALA A 21 -3.02 3.34 7.08
CA ALA A 21 -2.39 2.03 7.32
C ALA A 21 -2.88 1.52 8.68
N MET A 22 -3.87 0.61 8.61
CA MET A 22 -4.50 0.15 9.84
C MET A 22 -3.80 -1.04 10.41
N ASP A 23 -2.76 -0.77 11.23
CA ASP A 23 -1.92 -1.83 11.76
C ASP A 23 -2.10 -2.03 13.26
N LEU A 24 -3.20 -1.54 13.83
CA LEU A 24 -3.59 -2.01 15.18
C LEU A 24 -3.94 -3.49 15.09
N MET A 25 -3.78 -4.20 16.20
CA MET A 25 -3.90 -5.68 16.21
C MET A 25 -5.11 -6.18 16.94
N ASN A 26 -6.00 -5.27 17.31
N ASN A 26 -5.98 -5.31 17.39
CA ASN A 26 -7.22 -5.56 18.06
CA ASN A 26 -7.23 -5.83 17.89
C ASN A 26 -8.40 -5.06 17.23
C ASN A 26 -8.37 -5.12 17.23
N ARG A 27 -9.40 -5.92 16.98
CA ARG A 27 -10.54 -5.54 16.16
C ARG A 27 -11.27 -4.33 16.69
N ASP A 28 -11.50 -4.28 18.00
CA ASP A 28 -12.22 -3.13 18.56
C ASP A 28 -11.46 -1.82 18.36
N ASP A 29 -10.15 -1.82 18.62
CA ASP A 29 -9.38 -0.57 18.46
C ASP A 29 -9.32 -0.19 16.96
N ALA A 30 -9.15 -1.19 16.07
CA ALA A 30 -9.03 -0.94 14.64
C ALA A 30 -10.34 -0.38 14.10
N LEU A 31 -11.47 -0.94 14.54
CA LEU A 31 -12.76 -0.41 14.13
C LEU A 31 -12.98 1.01 14.63
N ARG A 32 -12.59 1.26 15.89
CA ARG A 32 -12.80 2.61 16.51
C ARG A 32 -12.00 3.66 15.69
N VAL A 33 -10.71 3.41 15.47
CA VAL A 33 -9.90 4.40 14.80
C VAL A 33 -10.35 4.61 13.37
N THR A 34 -10.61 3.50 12.66
CA THR A 34 -11.03 3.62 11.27
C THR A 34 -12.35 4.42 11.19
N GLY A 35 -13.27 4.17 12.11
CA GLY A 35 -14.53 4.91 12.09
C GLY A 35 -14.31 6.40 12.34
N GLU A 36 -13.36 6.72 13.21
CA GLU A 36 -13.13 8.11 13.58
C GLU A 36 -12.51 8.89 12.42
N VAL A 37 -11.78 8.22 11.54
CA VAL A 37 -11.09 8.96 10.47
C VAL A 37 -11.73 8.78 9.11
N ARG A 38 -12.84 8.06 9.05
CA ARG A 38 -13.47 7.67 7.77
C ARG A 38 -13.80 8.86 6.85
N GLU A 39 -14.25 9.98 7.42
CA GLU A 39 -14.53 11.16 6.61
C GLU A 39 -13.29 11.71 5.84
N TYR A 40 -12.08 11.41 6.31
CA TYR A 40 -10.86 11.94 5.71
C TYR A 40 -10.20 11.02 4.69
N ILE A 41 -10.68 9.78 4.60
CA ILE A 41 -10.05 8.76 3.74
C ILE A 41 -11.18 8.04 2.96
N ASP A 42 -10.83 7.25 1.98
CA ASP A 42 -11.78 6.25 1.50
C ASP A 42 -11.04 4.98 1.14
N THR A 43 -9.74 4.91 1.47
CA THR A 43 -8.99 3.68 1.22
C THR A 43 -8.27 3.32 2.51
N VAL A 44 -8.41 2.07 2.92
CA VAL A 44 -7.73 1.54 4.12
C VAL A 44 -6.79 0.44 3.66
N LYS A 45 -5.55 0.52 4.11
CA LYS A 45 -4.57 -0.53 3.88
C LYS A 45 -4.57 -1.43 5.12
N ILE A 46 -4.85 -2.73 4.89
CA ILE A 46 -4.87 -3.70 5.99
C ILE A 46 -3.76 -4.68 5.74
N GLY A 47 -2.97 -4.97 6.76
CA GLY A 47 -1.81 -5.86 6.61
C GLY A 47 -1.91 -7.05 7.56
N TYR A 48 -0.79 -7.74 7.64
CA TYR A 48 -0.74 -8.93 8.49
C TYR A 48 -0.86 -8.67 10.00
N PRO A 49 -0.39 -7.54 10.52
CA PRO A 49 -0.65 -7.36 11.99
C PRO A 49 -2.14 -7.53 12.33
N LEU A 50 -3.03 -6.93 11.53
CA LEU A 50 -4.45 -7.02 11.87
C LEU A 50 -4.99 -8.37 11.41
N VAL A 51 -4.68 -8.81 10.18
CA VAL A 51 -5.22 -10.07 9.67
C VAL A 51 -4.81 -11.30 10.46
N LEU A 52 -3.56 -11.34 10.91
CA LEU A 52 -3.07 -12.53 11.62
C LEU A 52 -3.56 -12.52 13.07
N SER A 53 -4.05 -11.37 13.53
CA SER A 53 -4.62 -11.28 14.88
C SER A 53 -6.10 -11.50 14.93
N GLU A 54 -6.82 -11.11 13.88
CA GLU A 54 -8.30 -11.10 13.87
C GLU A 54 -8.95 -11.92 12.76
N GLY A 55 -8.17 -12.39 11.81
CA GLY A 55 -8.70 -13.21 10.71
C GLY A 55 -8.98 -12.44 9.43
N MET A 56 -8.95 -13.16 8.32
CA MET A 56 -9.22 -12.59 7.01
C MET A 56 -10.63 -12.01 6.89
N ASP A 57 -11.58 -12.48 7.70
CA ASP A 57 -12.93 -11.96 7.67
C ASP A 57 -12.96 -10.45 8.00
N ILE A 58 -11.88 -9.93 8.58
CA ILE A 58 -11.86 -8.51 8.93
C ILE A 58 -11.90 -7.64 7.68
N ILE A 59 -11.42 -8.17 6.54
CA ILE A 59 -11.40 -7.38 5.30
C ILE A 59 -12.81 -7.07 4.84
N ALA A 60 -13.66 -8.08 4.77
CA ALA A 60 -15.02 -7.89 4.31
C ALA A 60 -15.78 -7.05 5.32
N GLU A 61 -15.42 -7.20 6.62
CA GLU A 61 -16.13 -6.43 7.66
C GLU A 61 -15.89 -4.94 7.47
N PHE A 62 -14.62 -4.60 7.22
CA PHE A 62 -14.23 -3.20 7.02
C PHE A 62 -14.83 -2.70 5.74
N ARG A 63 -14.73 -3.49 4.68
CA ARG A 63 -15.28 -3.06 3.40
C ARG A 63 -16.76 -2.66 3.52
N LYS A 64 -17.54 -3.49 4.23
CA LYS A 64 -18.95 -3.26 4.46
C LYS A 64 -19.20 -2.06 5.39
N ARG A 65 -18.57 -2.07 6.57
CA ARG A 65 -18.86 -1.07 7.59
C ARG A 65 -18.49 0.32 7.15
N PHE A 66 -17.41 0.42 6.39
CA PHE A 66 -16.87 1.74 6.03
C PHE A 66 -17.05 2.08 4.55
N GLY A 67 -17.37 1.10 3.71
CA GLY A 67 -17.56 1.39 2.28
C GLY A 67 -16.28 1.93 1.67
N CYS A 68 -15.14 1.51 2.22
N CYS A 68 -15.13 1.52 2.23
CA CYS A 68 -13.85 1.91 1.75
CA CYS A 68 -13.80 1.97 1.80
C CYS A 68 -13.37 0.86 0.76
C CYS A 68 -13.13 0.86 1.02
N ARG A 69 -12.34 1.24 0.02
CA ARG A 69 -11.54 0.29 -0.76
C ARG A 69 -10.53 -0.28 0.22
N ILE A 70 -10.15 -1.55 0.03
CA ILE A 70 -9.18 -2.18 0.89
C ILE A 70 -8.00 -2.64 0.06
N ILE A 71 -6.82 -2.17 0.46
CA ILE A 71 -5.55 -2.68 -0.10
C ILE A 71 -4.97 -3.65 0.92
N ALA A 72 -4.75 -4.90 0.50
CA ALA A 72 -4.12 -5.91 1.39
C ALA A 72 -2.62 -5.79 1.25
N ASP A 73 -1.98 -5.32 2.33
CA ASP A 73 -0.54 -5.11 2.30
C ASP A 73 0.15 -6.35 2.77
N PHE A 74 0.20 -7.34 1.89
CA PHE A 74 0.76 -8.64 2.23
C PHE A 74 2.17 -8.87 1.68
N LYS A 75 2.74 -7.86 1.00
CA LYS A 75 4.14 -7.93 0.57
C LYS A 75 4.49 -9.31 -0.01
N VAL A 76 3.67 -9.74 -0.99
CA VAL A 76 3.71 -11.15 -1.43
C VAL A 76 5.08 -11.39 -2.01
N ALA A 77 5.74 -12.44 -1.56
CA ALA A 77 7.17 -12.60 -1.85
C ALA A 77 7.57 -14.07 -1.92
N ASP A 78 6.73 -14.86 -2.58
CA ASP A 78 6.99 -16.30 -2.68
C ASP A 78 7.24 -16.71 -4.15
N ILE A 79 7.33 -18.01 -4.38
CA ILE A 79 7.47 -18.57 -5.71
C ILE A 79 6.12 -18.37 -6.45
N PRO A 80 6.13 -18.48 -7.76
CA PRO A 80 4.90 -18.19 -8.52
C PRO A 80 3.68 -19.00 -8.07
N GLU A 81 3.84 -20.33 -7.89
CA GLU A 81 2.69 -21.15 -7.53
C GLU A 81 2.02 -20.74 -6.19
N THR A 82 2.84 -20.40 -5.19
CA THR A 82 2.36 -20.01 -3.91
C THR A 82 1.77 -18.61 -3.99
N ASN A 83 2.43 -17.73 -4.76
CA ASN A 83 1.90 -16.38 -4.92
C ASN A 83 0.48 -16.46 -5.48
N GLU A 84 0.22 -17.36 -6.43
CA GLU A 84 -1.14 -17.44 -6.99
C GLU A 84 -2.16 -17.79 -5.90
N LYS A 85 -1.77 -18.72 -5.00
CA LYS A 85 -2.70 -19.16 -3.93
C LYS A 85 -2.97 -18.03 -2.94
N ILE A 86 -1.92 -17.28 -2.60
CA ILE A 86 -2.03 -16.14 -1.69
C ILE A 86 -2.93 -15.06 -2.25
N CYS A 87 -2.75 -14.77 -3.54
CA CYS A 87 -3.55 -13.74 -4.15
C CYS A 87 -5.00 -14.20 -4.24
N ARG A 88 -5.23 -15.45 -4.63
CA ARG A 88 -6.61 -15.96 -4.71
C ARG A 88 -7.32 -15.88 -3.37
N ALA A 89 -6.62 -16.25 -2.28
CA ALA A 89 -7.26 -16.22 -0.99
C ALA A 89 -7.57 -14.79 -0.59
N THR A 90 -6.68 -13.89 -0.96
CA THR A 90 -6.81 -12.49 -0.53
C THR A 90 -7.98 -11.81 -1.26
N PHE A 91 -8.08 -12.05 -2.57
CA PHE A 91 -9.22 -11.51 -3.32
C PHE A 91 -10.54 -12.15 -2.93
N LYS A 92 -10.53 -13.46 -2.64
CA LYS A 92 -11.74 -14.13 -2.15
C LYS A 92 -12.25 -13.47 -0.88
N ALA A 93 -11.32 -13.02 -0.04
CA ALA A 93 -11.65 -12.33 1.20
C ALA A 93 -12.15 -10.90 0.99
N GLY A 94 -12.11 -10.42 -0.26
CA GLY A 94 -12.75 -9.14 -0.57
C GLY A 94 -11.81 -7.98 -0.77
N ALA A 95 -10.49 -8.19 -0.74
CA ALA A 95 -9.54 -7.10 -0.98
C ALA A 95 -9.67 -6.57 -2.40
N ASP A 96 -9.53 -5.27 -2.53
CA ASP A 96 -9.56 -4.63 -3.87
C ASP A 96 -8.23 -4.72 -4.57
N ALA A 97 -7.14 -4.77 -3.79
CA ALA A 97 -5.79 -4.79 -4.38
C ALA A 97 -4.87 -5.44 -3.40
N ILE A 98 -3.71 -5.86 -3.88
CA ILE A 98 -2.69 -6.49 -3.05
C ILE A 98 -1.34 -5.87 -3.35
N ILE A 99 -0.52 -5.69 -2.33
CA ILE A 99 0.85 -5.23 -2.51
C ILE A 99 1.76 -6.44 -2.61
N VAL A 100 2.58 -6.41 -3.64
N VAL A 100 2.58 -6.45 -3.63
CA VAL A 100 3.46 -7.52 -4.06
CA VAL A 100 3.47 -7.59 -3.88
C VAL A 100 4.91 -7.04 -4.07
C VAL A 100 4.89 -7.08 -4.07
N HIS A 101 5.85 -7.80 -3.50
CA HIS A 101 7.29 -7.45 -3.70
C HIS A 101 7.75 -7.78 -5.10
N GLY A 102 8.56 -6.89 -5.65
CA GLY A 102 9.19 -7.15 -6.94
C GLY A 102 10.51 -7.89 -6.84
N PHE A 103 11.18 -7.86 -5.68
N PHE A 103 11.18 -7.85 -5.69
CA PHE A 103 12.52 -8.47 -5.55
CA PHE A 103 12.52 -8.39 -5.65
C PHE A 103 12.56 -9.98 -5.95
C PHE A 103 12.63 -9.89 -5.96
N PRO A 104 11.48 -10.76 -5.72
N PRO A 104 11.60 -10.69 -5.64
CA PRO A 104 11.54 -12.19 -6.14
CA PRO A 104 11.65 -12.10 -6.09
C PRO A 104 11.49 -12.42 -7.65
C PRO A 104 11.65 -12.37 -7.61
N GLY A 105 11.37 -11.36 -8.44
CA GLY A 105 11.47 -11.50 -9.88
C GLY A 105 10.17 -11.57 -10.68
N ALA A 106 10.35 -11.61 -11.99
CA ALA A 106 9.23 -11.38 -12.89
C ALA A 106 8.18 -12.46 -12.85
N ASP A 107 8.60 -13.73 -12.72
CA ASP A 107 7.62 -14.80 -12.72
C ASP A 107 6.74 -14.69 -11.47
N SER A 108 7.33 -14.36 -10.34
CA SER A 108 6.53 -14.16 -9.12
C SER A 108 5.53 -13.02 -9.25
N VAL A 109 5.91 -11.93 -9.91
CA VAL A 109 5.01 -10.80 -10.06
C VAL A 109 3.92 -11.19 -11.09
N ARG A 110 4.31 -11.86 -12.18
N ARG A 110 4.31 -11.86 -12.18
CA ARG A 110 3.33 -12.27 -13.17
CA ARG A 110 3.33 -12.27 -13.18
C ARG A 110 2.24 -13.16 -12.57
C ARG A 110 2.26 -13.18 -12.62
N ALA A 111 2.61 -14.03 -11.64
CA ALA A 111 1.63 -14.95 -11.02
C ALA A 111 0.55 -14.12 -10.35
N CYS A 112 0.96 -13.04 -9.67
CA CYS A 112 0.00 -12.15 -8.96
C CYS A 112 -0.87 -11.41 -9.97
N LEU A 113 -0.23 -10.90 -11.02
CA LEU A 113 -0.98 -10.23 -12.11
C LEU A 113 -1.99 -11.15 -12.75
N ASN A 114 -1.65 -12.43 -12.93
CA ASN A 114 -2.59 -13.38 -13.52
C ASN A 114 -3.83 -13.56 -12.67
N VAL A 115 -3.64 -13.72 -11.37
CA VAL A 115 -4.80 -13.87 -10.50
C VAL A 115 -5.64 -12.56 -10.45
N ALA A 116 -4.97 -11.40 -10.40
CA ALA A 116 -5.70 -10.15 -10.35
C ALA A 116 -6.54 -10.03 -11.62
N GLU A 117 -5.99 -10.48 -12.76
CA GLU A 117 -6.75 -10.39 -14.02
C GLU A 117 -7.96 -11.29 -13.98
N GLU A 118 -7.80 -12.50 -13.47
CA GLU A 118 -8.91 -13.45 -13.38
C GLU A 118 -10.01 -12.94 -12.47
N MET A 119 -9.62 -12.20 -11.43
CA MET A 119 -10.63 -11.86 -10.43
CA MET A 119 -10.52 -11.81 -10.33
C MET A 119 -11.03 -10.39 -10.45
N GLY A 120 -10.57 -9.66 -11.48
CA GLY A 120 -10.95 -8.26 -11.63
C GLY A 120 -10.40 -7.32 -10.59
N ARG A 121 -9.18 -7.61 -10.11
N ARG A 121 -9.19 -7.61 -10.10
CA ARG A 121 -8.55 -6.83 -9.04
CA ARG A 121 -8.55 -6.79 -9.05
C ARG A 121 -7.24 -6.14 -9.50
C ARG A 121 -7.18 -6.22 -9.48
N GLU A 122 -6.52 -5.51 -8.56
CA GLU A 122 -5.27 -4.80 -8.89
C GLU A 122 -4.08 -5.25 -8.05
N VAL A 123 -2.92 -5.19 -8.68
CA VAL A 123 -1.63 -5.43 -8.02
C VAL A 123 -0.92 -4.08 -7.88
N PHE A 124 -0.36 -3.86 -6.69
CA PHE A 124 0.59 -2.76 -6.47
C PHE A 124 1.98 -3.37 -6.28
N LEU A 125 2.94 -2.88 -7.05
CA LEU A 125 4.29 -3.43 -6.96
C LEU A 125 5.13 -2.56 -6.02
N LEU A 126 5.68 -3.18 -4.99
CA LEU A 126 6.60 -2.53 -4.05
C LEU A 126 8.01 -2.64 -4.61
N THR A 127 8.59 -1.48 -4.95
CA THR A 127 9.89 -1.43 -5.66
C THR A 127 11.09 -1.04 -4.82
N GLU A 128 10.91 -0.13 -3.86
CA GLU A 128 11.95 0.27 -2.91
C GLU A 128 11.22 0.52 -1.61
N MET A 129 11.80 0.03 -0.51
CA MET A 129 11.17 0.15 0.82
C MET A 129 11.66 1.38 1.54
N SER A 130 10.92 1.74 2.60
CA SER A 130 11.13 3.04 3.28
C SER A 130 12.09 3.01 4.50
N HIS A 131 12.38 1.82 5.03
CA HIS A 131 13.19 1.73 6.24
C HIS A 131 14.71 1.74 5.93
N PRO A 132 15.54 1.92 6.97
CA PRO A 132 16.98 2.06 6.69
C PRO A 132 17.60 0.83 6.02
N GLY A 133 17.14 -0.35 6.39
CA GLY A 133 17.69 -1.62 5.85
C GLY A 133 17.48 -1.75 4.35
N ALA A 134 16.50 -1.03 3.83
CA ALA A 134 16.23 -1.08 2.38
C ALA A 134 17.45 -0.66 1.58
N GLU A 135 18.37 0.08 2.21
CA GLU A 135 19.57 0.52 1.50
C GLU A 135 20.51 -0.63 1.20
N MET A 136 20.41 -1.73 1.92
CA MET A 136 21.42 -2.78 1.81
C MET A 136 21.36 -3.53 0.50
N PHE A 137 20.16 -3.96 0.13
CA PHE A 137 19.96 -4.81 -1.06
C PHE A 137 18.89 -4.27 -1.98
N ILE A 138 17.79 -3.78 -1.42
CA ILE A 138 16.65 -3.39 -2.27
C ILE A 138 16.97 -2.17 -3.12
N GLN A 139 17.62 -1.17 -2.52
CA GLN A 139 17.84 0.10 -3.25
C GLN A 139 18.59 -0.09 -4.53
N GLY A 140 19.62 -0.92 -4.50
CA GLY A 140 20.46 -1.12 -5.68
C GLY A 140 19.74 -1.86 -6.79
N ALA A 141 18.64 -2.56 -6.47
CA ALA A 141 17.83 -3.27 -7.49
C ALA A 141 16.57 -2.50 -7.87
N ALA A 142 16.28 -1.39 -7.17
CA ALA A 142 14.94 -0.81 -7.24
C ALA A 142 14.63 -0.28 -8.63
N ASP A 143 15.61 0.34 -9.28
CA ASP A 143 15.32 0.87 -10.61
C ASP A 143 14.95 -0.25 -11.57
N GLU A 144 15.71 -1.33 -11.52
CA GLU A 144 15.42 -2.47 -12.36
C GLU A 144 14.11 -3.16 -12.00
N ILE A 145 13.79 -3.21 -10.71
CA ILE A 145 12.47 -3.77 -10.28
C ILE A 145 11.36 -2.91 -10.90
N ALA A 146 11.51 -1.60 -10.83
CA ALA A 146 10.50 -0.71 -11.40
C ALA A 146 10.37 -0.93 -12.91
N ARG A 147 11.50 -1.02 -13.62
CA ARG A 147 11.46 -1.22 -15.06
C ARG A 147 10.80 -2.55 -15.43
N MET A 148 11.07 -3.56 -14.60
CA MET A 148 10.39 -4.86 -14.72
C MET A 148 8.89 -4.72 -14.59
N GLY A 149 8.45 -3.95 -13.60
CA GLY A 149 7.04 -3.63 -13.46
C GLY A 149 6.45 -3.03 -14.73
N VAL A 150 7.12 -2.02 -15.26
CA VAL A 150 6.62 -1.38 -16.48
C VAL A 150 6.47 -2.41 -17.61
N ASP A 151 7.47 -3.28 -17.76
N ASP A 151 7.49 -3.27 -17.75
CA ASP A 151 7.48 -4.27 -18.84
CA ASP A 151 7.52 -4.30 -18.80
C ASP A 151 6.44 -5.36 -18.66
C ASP A 151 6.34 -5.24 -18.67
N LEU A 152 6.02 -5.59 -17.41
CA LEU A 152 4.94 -6.54 -17.13
C LEU A 152 3.59 -5.88 -17.22
N GLY A 153 3.55 -4.56 -17.38
CA GLY A 153 2.28 -3.85 -17.44
C GLY A 153 1.68 -3.46 -16.11
N VAL A 154 2.48 -3.50 -15.05
CA VAL A 154 2.03 -3.01 -13.76
C VAL A 154 1.70 -1.50 -13.86
N LYS A 155 0.59 -1.11 -13.25
CA LYS A 155 0.17 0.26 -13.30
C LYS A 155 0.13 0.95 -11.93
N ASN A 156 0.36 0.17 -10.86
CA ASN A 156 0.28 0.68 -9.49
C ASN A 156 1.55 0.31 -8.75
N TYR A 157 2.14 1.29 -8.07
CA TYR A 157 3.47 1.15 -7.46
C TYR A 157 3.52 1.72 -6.07
N VAL A 158 4.46 1.19 -5.29
CA VAL A 158 4.72 1.73 -3.94
C VAL A 158 6.19 2.06 -3.83
N GLY A 159 6.51 3.27 -3.32
CA GLY A 159 7.88 3.68 -3.12
C GLY A 159 7.97 4.61 -1.91
N PRO A 160 9.20 4.97 -1.52
CA PRO A 160 9.42 5.41 -0.12
C PRO A 160 9.37 6.94 0.17
N SER A 161 8.50 7.34 1.11
CA SER A 161 8.40 8.75 1.50
C SER A 161 9.69 9.25 2.13
N THR A 162 10.42 8.32 2.74
CA THR A 162 11.66 8.65 3.44
C THR A 162 12.82 9.01 2.52
N ARG A 163 12.67 8.77 1.22
CA ARG A 163 13.71 9.09 0.28
C ARG A 163 13.06 9.72 -0.94
N PRO A 164 12.73 11.03 -0.86
CA PRO A 164 12.00 11.60 -2.01
C PRO A 164 12.78 11.64 -3.31
N GLU A 165 14.13 11.66 -3.24
CA GLU A 165 14.92 11.59 -4.47
C GLU A 165 14.74 10.23 -5.12
N ARG A 166 14.56 9.19 -4.31
CA ARG A 166 14.34 7.85 -4.88
C ARG A 166 12.88 7.78 -5.39
N LEU A 167 11.96 8.45 -4.69
CA LEU A 167 10.56 8.50 -5.13
C LEU A 167 10.47 9.22 -6.45
N SER A 168 11.26 10.28 -6.62
CA SER A 168 11.31 10.99 -7.92
C SER A 168 11.83 10.09 -9.03
N ARG A 169 12.88 9.33 -8.75
CA ARG A 169 13.46 8.41 -9.75
C ARG A 169 12.43 7.33 -10.12
N LEU A 170 11.67 6.84 -9.16
CA LEU A 170 10.60 5.81 -9.42
C LEU A 170 9.54 6.42 -10.31
N ARG A 171 9.10 7.63 -9.97
CA ARG A 171 8.11 8.31 -10.83
C ARG A 171 8.65 8.50 -12.22
N GLU A 172 9.94 8.85 -12.34
CA GLU A 172 10.53 8.98 -13.66
C GLU A 172 10.40 7.70 -14.52
N ILE A 173 10.57 6.54 -13.89
CA ILE A 173 10.58 5.28 -14.62
C ILE A 173 9.16 4.89 -15.00
N ILE A 174 8.23 5.06 -14.06
CA ILE A 174 6.87 4.58 -14.28
C ILE A 174 5.99 5.52 -15.07
N GLY A 175 6.39 6.79 -15.21
CA GLY A 175 5.60 7.74 -15.99
C GLY A 175 4.46 8.32 -15.18
N GLN A 176 3.76 9.30 -15.77
CA GLN A 176 2.81 10.11 -14.99
C GLN A 176 1.46 9.43 -14.90
N ASP A 177 1.23 8.46 -15.80
CA ASP A 177 -0.06 7.79 -15.83
C ASP A 177 -0.18 6.69 -14.79
N SER A 178 0.95 6.16 -14.35
CA SER A 178 0.90 5.14 -13.32
C SER A 178 0.57 5.75 -11.96
N PHE A 179 -0.05 4.94 -11.13
CA PHE A 179 -0.48 5.37 -9.80
C PHE A 179 0.57 4.95 -8.77
N LEU A 180 0.96 5.89 -7.92
CA LEU A 180 2.10 5.70 -6.99
C LEU A 180 1.64 6.09 -5.60
N ILE A 181 1.76 5.15 -4.65
CA ILE A 181 1.42 5.46 -3.25
C ILE A 181 2.68 5.29 -2.42
N SER A 182 2.73 5.97 -1.29
CA SER A 182 4.00 6.11 -0.60
C SER A 182 3.87 6.07 0.91
N PRO A 183 4.46 5.06 1.57
CA PRO A 183 4.52 5.00 3.04
C PRO A 183 5.80 5.60 3.58
N GLY A 184 5.82 5.78 4.89
CA GLY A 184 6.94 6.36 5.61
C GLY A 184 6.68 7.79 6.03
N VAL A 185 5.45 8.26 5.86
CA VAL A 185 5.08 9.62 6.26
C VAL A 185 4.82 9.65 7.75
N GLY A 186 5.40 10.61 8.45
CA GLY A 186 5.11 10.78 9.89
C GLY A 186 6.12 10.03 10.71
N ALA A 187 5.70 8.87 11.22
CA ALA A 187 6.56 8.11 12.13
C ALA A 187 7.96 7.83 11.63
N GLN A 188 8.08 7.48 10.36
CA GLN A 188 9.38 7.09 9.81
C GLN A 188 10.14 8.31 9.33
N GLY A 189 9.50 9.49 9.38
CA GLY A 189 10.22 10.73 9.07
C GLY A 189 9.85 11.43 7.78
N GLY A 190 9.05 10.80 6.95
CA GLY A 190 8.58 11.44 5.72
C GLY A 190 7.61 12.57 5.90
N ASP A 191 7.62 13.48 4.91
CA ASP A 191 6.77 14.67 4.94
C ASP A 191 5.63 14.57 3.92
N PRO A 192 4.37 14.88 4.33
CA PRO A 192 3.25 14.72 3.37
C PRO A 192 3.42 15.54 2.09
N GLY A 193 3.69 16.83 2.23
CA GLY A 193 3.76 17.70 1.07
C GLY A 193 4.86 17.31 0.13
N GLU A 194 6.06 17.05 0.65
CA GLU A 194 7.17 16.66 -0.21
C GLU A 194 6.88 15.35 -0.95
N THR A 195 6.28 14.40 -0.27
CA THR A 195 6.02 13.11 -0.84
C THR A 195 5.03 13.24 -1.99
N LEU A 196 4.01 14.09 -1.78
CA LEU A 196 3.00 14.32 -2.82
C LEU A 196 3.49 15.12 -4.02
N ARG A 197 4.75 15.55 -3.99
CA ARG A 197 5.35 16.08 -5.23
C ARG A 197 5.48 14.97 -6.29
N PHE A 198 5.58 13.72 -5.82
CA PHE A 198 5.90 12.58 -6.69
C PHE A 198 4.82 11.51 -6.62
N ALA A 199 4.32 11.23 -5.42
CA ALA A 199 3.28 10.19 -5.24
C ALA A 199 1.91 10.78 -5.47
N ASP A 200 0.96 9.94 -5.88
CA ASP A 200 -0.43 10.34 -5.96
C ASP A 200 -1.14 10.32 -4.61
N ALA A 201 -0.68 9.46 -3.74
CA ALA A 201 -1.26 9.34 -2.40
C ALA A 201 -0.24 8.94 -1.40
N ILE A 202 -0.47 9.33 -0.15
CA ILE A 202 0.40 8.93 0.94
C ILE A 202 -0.29 7.93 1.81
N ILE A 203 0.50 7.00 2.34
CA ILE A 203 0.03 6.07 3.38
C ILE A 203 0.49 6.56 4.72
N VAL A 204 -0.45 6.60 5.67
CA VAL A 204 -0.10 7.02 7.05
C VAL A 204 -0.70 6.05 8.04
N GLY A 205 0.18 5.53 8.92
CA GLY A 205 -0.26 4.61 9.98
C GLY A 205 -0.19 5.25 11.34
N ARG A 206 0.92 5.04 12.04
CA ARG A 206 1.02 5.42 13.46
C ARG A 206 0.73 6.92 13.74
N SER A 207 1.13 7.85 12.86
CA SER A 207 0.85 9.30 13.09
C SER A 207 -0.63 9.56 13.26
N ILE A 208 -1.45 8.67 12.66
CA ILE A 208 -2.90 8.74 12.90
C ILE A 208 -3.32 7.77 14.01
N TYR A 209 -3.00 6.47 13.89
CA TYR A 209 -3.68 5.51 14.79
C TYR A 209 -3.14 5.46 16.22
N LEU A 210 -1.96 6.03 16.44
CA LEU A 210 -1.43 6.16 17.82
C LEU A 210 -1.67 7.53 18.42
N ALA A 211 -2.24 8.44 17.63
CA ALA A 211 -2.51 9.79 18.15
C ALA A 211 -3.57 9.81 19.22
N ASP A 212 -3.47 10.79 20.11
CA ASP A 212 -4.52 10.96 21.13
C ASP A 212 -5.90 11.19 20.44
N ASN A 213 -5.88 11.89 19.32
CA ASN A 213 -7.10 12.17 18.58
C ASN A 213 -6.80 11.90 17.11
N PRO A 214 -7.06 10.66 16.66
CA PRO A 214 -6.82 10.30 15.24
C PRO A 214 -7.51 11.15 14.21
N ALA A 215 -8.74 11.56 14.48
CA ALA A 215 -9.47 12.42 13.54
C ALA A 215 -8.74 13.76 13.41
N ALA A 216 -8.26 14.33 14.51
CA ALA A 216 -7.55 15.60 14.49
C ALA A 216 -6.21 15.43 13.77
N ALA A 217 -5.55 14.28 14.00
CA ALA A 217 -4.31 13.99 13.28
C ALA A 217 -4.55 13.89 11.77
N ALA A 218 -5.58 13.14 11.36
CA ALA A 218 -5.92 12.99 9.91
C ALA A 218 -6.29 14.34 9.33
N ALA A 219 -7.11 15.10 10.05
CA ALA A 219 -7.50 16.45 9.60
C ALA A 219 -6.31 17.37 9.37
N GLY A 220 -5.33 17.29 10.27
CA GLY A 220 -4.12 18.11 10.22
C GLY A 220 -3.33 17.78 8.96
N ILE A 221 -3.23 16.49 8.68
CA ILE A 221 -2.55 16.06 7.46
C ILE A 221 -3.28 16.58 6.23
N ILE A 222 -4.60 16.37 6.17
CA ILE A 222 -5.41 16.82 5.04
C ILE A 222 -5.28 18.34 4.82
N GLU A 223 -5.31 19.10 5.91
CA GLU A 223 -5.13 20.55 5.84
C GLU A 223 -3.82 20.91 5.18
N SER A 224 -2.74 20.21 5.53
CA SER A 224 -1.45 20.47 4.89
C SER A 224 -1.42 19.96 3.42
N ILE A 225 -2.24 18.95 3.10
CA ILE A 225 -2.35 18.44 1.72
C ILE A 225 -3.11 19.42 0.80
N LYS A 226 -4.26 19.92 1.26
CA LYS A 226 -5.08 20.89 0.49
C LYS A 226 -4.27 22.13 0.13
N ASP A 227 -3.35 22.50 1.02
CA ASP A 227 -2.44 23.64 0.80
C ASP A 227 -1.49 23.46 -0.38
N LEU A 228 -1.34 22.23 -0.88
CA LEU A 228 -0.57 21.95 -2.10
C LEU A 228 -1.44 22.10 -3.34
#